data_6P9G
#
_entry.id   6P9G
#
_cell.length_a   47.846
_cell.length_b   82.405
_cell.length_c   99.819
_cell.angle_alpha   90.000
_cell.angle_beta   90.000
_cell.angle_gamma   90.000
#
_symmetry.space_group_name_H-M   'I 2 2 2'
#
loop_
_entity.id
_entity.type
_entity.pdbx_description
1 polymer 'Ubiquitin carboxyl-terminal hydrolase 5'
2 non-polymer 'ZINC ION'
3 non-polymer '(2R)-2-(4-oxoquinazolin-3(4H)-yl)propanoic acid'
4 non-polymer 'UNKNOWN ATOM OR ION'
5 water water
#
_entity_poly.entity_id   1
_entity_poly.type   'polypeptide(L)'
_entity_poly.pdbx_seq_one_letter_code
;GGEVRQVSKHAFSLKQLDNPARIPPCGWKCSKCDMRENLWLNLTDGSILCGRRYFDGSGGNNHAVEHYRETGYPLAVKLG
TITPDGADVYSYDEDDMVLDPSLAEHLSHFGIDMLKMQKTD
;
_entity_poly.pdbx_strand_id   A
#
loop_
_chem_comp.id
_chem_comp.type
_chem_comp.name
_chem_comp.formula
O4Y non-polymer '(2R)-2-(4-oxoquinazolin-3(4H)-yl)propanoic acid' 'C11 H10 N2 O3'
UNX non-polymer 'UNKNOWN ATOM OR ION' ?
ZN non-polymer 'ZINC ION' 'Zn 2'
#
# COMPACT_ATOMS: atom_id res chain seq x y z
CA VAL A 4 15.69 -3.73 11.51
C VAL A 4 14.15 -3.74 11.39
N ARG A 5 13.61 -4.05 10.21
CA ARG A 5 12.14 -4.28 9.99
C ARG A 5 11.81 -5.74 10.29
N GLN A 6 10.66 -5.98 10.89
CA GLN A 6 10.24 -7.29 11.36
C GLN A 6 9.01 -7.73 10.57
N VAL A 7 8.83 -9.03 10.47
CA VAL A 7 7.66 -9.62 9.79
C VAL A 7 6.38 -9.17 10.51
N SER A 8 5.45 -8.57 9.77
CA SER A 8 4.10 -8.24 10.25
C SER A 8 3.42 -9.50 10.80
N LYS A 9 2.71 -9.40 11.92
CA LYS A 9 1.80 -10.49 12.39
C LYS A 9 0.68 -10.76 11.38
N HIS A 10 0.44 -9.89 10.40
CA HIS A 10 -0.60 -10.06 9.34
C HIS A 10 -0.06 -10.67 8.04
N ALA A 11 1.25 -10.84 7.87
CA ALA A 11 1.88 -11.29 6.61
C ALA A 11 1.30 -12.63 6.11
N PHE A 12 1.00 -13.56 7.01
CA PHE A 12 0.64 -14.94 6.57
C PHE A 12 -0.85 -15.17 6.72
N SER A 13 -1.56 -14.36 7.50
CA SER A 13 -3.00 -14.58 7.81
C SER A 13 -3.85 -13.61 7.00
N LEU A 14 -3.24 -12.66 6.31
CA LEU A 14 -4.03 -11.61 5.62
C LEU A 14 -5.00 -12.29 4.64
N LYS A 15 -6.27 -11.89 4.71
CA LYS A 15 -7.40 -12.33 3.83
C LYS A 15 -7.69 -11.17 2.86
N GLN A 16 -7.41 -11.34 1.58
CA GLN A 16 -7.55 -10.28 0.55
C GLN A 16 -8.90 -10.45 -0.14
N LEU A 17 -9.56 -9.34 -0.42
CA LEU A 17 -10.80 -9.26 -1.21
C LEU A 17 -10.44 -9.35 -2.70
N ASP A 18 -11.40 -9.78 -3.50
CA ASP A 18 -11.29 -9.95 -4.98
C ASP A 18 -11.65 -8.59 -5.59
N ASN A 19 -10.62 -7.89 -6.06
CA ASN A 19 -10.74 -6.56 -6.71
C ASN A 19 -10.06 -6.66 -8.05
N PRO A 20 -10.85 -6.81 -9.13
CA PRO A 20 -10.32 -7.03 -10.47
C PRO A 20 -9.80 -5.78 -11.21
N ALA A 21 -9.87 -4.58 -10.62
CA ALA A 21 -9.38 -3.33 -11.27
C ALA A 21 -7.90 -3.53 -11.63
N ARG A 22 -7.53 -3.20 -12.86
CA ARG A 22 -6.15 -3.23 -13.40
C ARG A 22 -5.35 -2.14 -12.71
N ILE A 23 -4.16 -2.47 -12.22
CA ILE A 23 -3.27 -1.46 -11.57
C ILE A 23 -2.07 -1.27 -12.46
N PRO A 24 -1.81 -0.05 -12.98
CA PRO A 24 -0.70 0.17 -13.91
C PRO A 24 0.65 0.07 -13.20
N PRO A 25 1.78 -0.03 -13.96
CA PRO A 25 3.12 -0.05 -13.38
C PRO A 25 3.67 1.31 -12.89
N CYS A 26 2.94 2.41 -13.14
CA CYS A 26 3.34 3.82 -12.84
C CYS A 26 2.16 4.78 -13.05
N GLY A 27 2.34 6.04 -12.61
CA GLY A 27 1.42 7.20 -12.79
C GLY A 27 0.08 6.99 -12.08
N TRP A 28 0.13 6.58 -10.81
CA TRP A 28 -1.06 6.29 -9.97
C TRP A 28 -1.71 7.61 -9.55
N LYS A 29 -2.98 7.55 -9.13
CA LYS A 29 -3.70 8.71 -8.54
C LYS A 29 -4.41 8.21 -7.28
N CYS A 30 -4.54 9.03 -6.24
CA CYS A 30 -5.50 8.79 -5.14
C CYS A 30 -6.88 8.56 -5.76
N SER A 31 -7.62 7.56 -5.30
CA SER A 31 -9.04 7.34 -5.70
C SER A 31 -9.89 8.55 -5.33
N LYS A 32 -9.49 9.32 -4.31
CA LYS A 32 -10.36 10.34 -3.66
C LYS A 32 -9.90 11.78 -3.91
N CYS A 33 -8.68 12.00 -4.42
CA CYS A 33 -8.16 13.37 -4.65
C CYS A 33 -7.14 13.35 -5.79
N ASP A 34 -6.51 14.51 -6.04
CA ASP A 34 -5.55 14.78 -7.15
C ASP A 34 -4.17 14.18 -6.84
N MET A 35 -3.87 13.76 -5.59
CA MET A 35 -2.51 13.32 -5.15
C MET A 35 -1.96 12.25 -6.11
N ARG A 36 -0.66 12.35 -6.46
CA ARG A 36 0.09 11.30 -7.21
C ARG A 36 1.41 10.92 -6.54
N GLU A 37 1.60 11.24 -5.25
CA GLU A 37 2.81 10.96 -4.43
C GLU A 37 2.36 10.54 -3.02
N ASN A 38 3.16 9.77 -2.29
CA ASN A 38 2.72 9.12 -1.02
C ASN A 38 1.37 8.42 -1.27
N LEU A 39 1.23 7.67 -2.37
CA LEU A 39 0.09 6.75 -2.65
C LEU A 39 0.35 5.33 -2.11
N TRP A 40 -0.57 4.84 -1.27
CA TRP A 40 -0.53 3.52 -0.60
C TRP A 40 -1.65 2.58 -1.10
N LEU A 41 -1.25 1.40 -1.56
CA LEU A 41 -2.14 0.29 -1.97
C LEU A 41 -2.44 -0.51 -0.71
N ASN A 42 -3.69 -0.53 -0.31
CA ASN A 42 -4.09 -1.37 0.84
C ASN A 42 -4.20 -2.82 0.37
N LEU A 43 -3.43 -3.71 0.95
CA LEU A 43 -3.31 -5.12 0.51
C LEU A 43 -4.59 -5.93 0.73
N THR A 44 -5.48 -5.49 1.61
CA THR A 44 -6.77 -6.21 1.81
C THR A 44 -7.75 -5.97 0.64
N ASP A 45 -7.97 -4.72 0.22
CA ASP A 45 -9.09 -4.39 -0.69
C ASP A 45 -8.58 -3.84 -2.02
N GLY A 46 -7.28 -3.60 -2.20
CA GLY A 46 -6.75 -3.01 -3.45
C GLY A 46 -7.04 -1.53 -3.56
N SER A 47 -7.50 -0.84 -2.51
CA SER A 47 -7.66 0.64 -2.55
C SER A 47 -6.29 1.31 -2.71
N ILE A 48 -6.21 2.33 -3.58
CA ILE A 48 -5.05 3.24 -3.82
C ILE A 48 -5.41 4.63 -3.32
N LEU A 49 -4.75 5.08 -2.23
CA LEU A 49 -5.15 6.27 -1.44
C LEU A 49 -3.89 6.95 -0.90
N CYS A 50 -3.95 8.27 -0.66
CA CYS A 50 -2.79 9.11 -0.31
C CYS A 50 -2.41 8.98 1.18
N GLY A 51 -1.12 9.21 1.47
CA GLY A 51 -0.50 9.19 2.80
C GLY A 51 -0.92 10.36 3.68
N ARG A 52 -0.48 10.36 4.94
CA ARG A 52 -0.90 11.35 5.96
C ARG A 52 -0.47 12.75 5.51
N ARG A 53 -1.17 13.79 5.98
CA ARG A 53 -0.78 15.20 5.76
C ARG A 53 0.40 15.53 6.67
N TYR A 54 1.39 16.25 6.17
CA TYR A 54 2.55 16.73 6.97
C TYR A 54 2.10 17.90 7.84
N PHE A 55 2.87 18.22 8.89
CA PHE A 55 2.54 19.21 9.94
C PHE A 55 2.36 20.60 9.30
N ASP A 56 3.05 20.86 8.18
CA ASP A 56 3.03 22.16 7.48
C ASP A 56 1.90 22.15 6.45
N GLY A 57 1.05 21.12 6.45
CA GLY A 57 -0.11 21.01 5.54
C GLY A 57 0.26 20.47 4.16
N SER A 58 1.53 20.11 3.90
CA SER A 58 1.95 19.47 2.64
C SER A 58 1.74 17.98 2.78
N GLY A 59 2.40 17.14 1.97
CA GLY A 59 2.18 15.69 2.01
C GLY A 59 0.81 15.31 1.46
N GLY A 60 0.18 14.26 1.98
CA GLY A 60 -1.10 13.78 1.44
C GLY A 60 -2.33 14.40 2.11
N ASN A 61 -3.50 13.80 1.86
CA ASN A 61 -4.82 14.27 2.34
C ASN A 61 -5.41 13.23 3.31
N ASN A 62 -4.58 12.36 3.87
CA ASN A 62 -4.99 11.42 4.94
C ASN A 62 -5.95 10.34 4.42
N HIS A 63 -6.06 10.12 3.11
CA HIS A 63 -7.10 9.19 2.60
C HIS A 63 -6.80 7.72 2.98
N ALA A 64 -5.55 7.28 3.03
CA ALA A 64 -5.21 5.88 3.34
C ALA A 64 -5.47 5.61 4.82
N VAL A 65 -5.06 6.54 5.69
CA VAL A 65 -5.23 6.36 7.16
C VAL A 65 -6.71 6.48 7.49
N GLU A 66 -7.45 7.41 6.90
CA GLU A 66 -8.93 7.47 7.10
C GLU A 66 -9.54 6.12 6.74
N HIS A 67 -9.22 5.57 5.57
CA HIS A 67 -9.70 4.23 5.12
C HIS A 67 -9.34 3.15 6.16
N TYR A 68 -8.12 3.14 6.72
CA TYR A 68 -7.73 2.18 7.78
C TYR A 68 -8.69 2.31 8.99
N ARG A 69 -8.95 3.52 9.45
CA ARG A 69 -9.80 3.75 10.66
C ARG A 69 -11.21 3.26 10.41
N GLU A 70 -11.70 3.37 9.17
CA GLU A 70 -13.05 2.89 8.79
C GLU A 70 -13.09 1.37 8.65
N THR A 71 -11.99 0.69 8.30
CA THR A 71 -12.05 -0.75 7.86
C THR A 71 -11.26 -1.69 8.77
N GLY A 72 -10.17 -1.22 9.41
CA GLY A 72 -9.23 -2.11 10.13
C GLY A 72 -8.26 -2.83 9.20
N TYR A 73 -8.27 -2.51 7.90
CA TYR A 73 -7.35 -3.20 6.96
C TYR A 73 -5.95 -2.66 7.22
N PRO A 74 -5.02 -3.49 7.74
CA PRO A 74 -3.80 -2.99 8.37
C PRO A 74 -2.58 -2.69 7.50
N LEU A 75 -2.44 -3.38 6.38
CA LEU A 75 -1.17 -3.38 5.60
C LEU A 75 -1.39 -2.53 4.36
N ALA A 76 -0.45 -1.63 4.07
CA ALA A 76 -0.48 -0.83 2.84
C ALA A 76 0.95 -0.75 2.30
N VAL A 77 1.07 -0.75 0.99
CA VAL A 77 2.39 -0.76 0.34
C VAL A 77 2.44 0.52 -0.48
N LYS A 78 3.60 1.19 -0.45
CA LYS A 78 3.78 2.51 -1.06
C LYS A 78 4.16 2.27 -2.51
N LEU A 79 3.28 2.67 -3.41
CA LEU A 79 3.52 2.51 -4.86
C LEU A 79 4.74 3.35 -5.20
N GLY A 80 5.54 2.89 -6.14
CA GLY A 80 6.79 3.56 -6.54
C GLY A 80 7.99 3.07 -5.75
N THR A 81 7.79 2.36 -4.63
CA THR A 81 8.87 1.71 -3.84
C THR A 81 8.97 0.22 -4.17
N ILE A 82 8.00 -0.34 -4.89
CA ILE A 82 8.01 -1.78 -5.30
C ILE A 82 9.13 -2.04 -6.32
N THR A 83 10.10 -2.89 -5.98
CA THR A 83 11.20 -3.41 -6.82
C THR A 83 11.11 -4.93 -6.78
N PRO A 84 11.96 -5.71 -7.47
CA PRO A 84 12.00 -7.16 -7.25
C PRO A 84 12.49 -7.54 -5.83
N ASP A 85 13.19 -6.62 -5.15
CA ASP A 85 13.85 -6.83 -3.83
C ASP A 85 12.87 -6.57 -2.67
N GLY A 86 11.87 -5.74 -2.91
CA GLY A 86 10.76 -5.54 -1.97
C GLY A 86 10.08 -4.22 -2.23
N ALA A 87 9.64 -3.58 -1.15
CA ALA A 87 8.81 -2.37 -1.14
C ALA A 87 8.75 -1.86 0.29
N ASP A 88 8.32 -0.62 0.45
CA ASP A 88 7.92 -0.04 1.74
C ASP A 88 6.51 -0.51 2.07
N VAL A 89 6.38 -1.28 3.12
CA VAL A 89 5.07 -1.75 3.61
C VAL A 89 4.88 -1.19 5.01
N TYR A 90 3.76 -0.48 5.22
CA TYR A 90 3.40 0.07 6.53
C TYR A 90 2.26 -0.75 7.13
N SER A 91 2.32 -0.95 8.44
CA SER A 91 1.25 -1.61 9.21
C SER A 91 0.64 -0.60 10.19
N TYR A 92 -0.64 -0.30 10.00
CA TYR A 92 -1.36 0.74 10.76
C TYR A 92 -1.60 0.23 12.17
N ASP A 93 -1.91 -1.06 12.38
CA ASP A 93 -2.18 -1.51 13.78
C ASP A 93 -0.86 -1.80 14.51
N GLU A 94 0.23 -2.13 13.82
CA GLU A 94 1.55 -2.32 14.49
C GLU A 94 2.31 -0.99 14.53
N ASP A 95 1.86 0.04 13.80
CA ASP A 95 2.50 1.38 13.72
C ASP A 95 3.99 1.21 13.47
N ASP A 96 4.35 0.63 12.34
CA ASP A 96 5.75 0.46 11.90
C ASP A 96 5.80 0.15 10.41
N MET A 97 6.94 0.41 9.80
CA MET A 97 7.32 -0.19 8.51
C MET A 97 7.62 -1.66 8.85
N VAL A 98 7.09 -2.58 8.06
CA VAL A 98 7.11 -4.02 8.37
C VAL A 98 7.60 -4.80 7.15
N LEU A 99 7.99 -6.06 7.40
CA LEU A 99 8.25 -7.04 6.34
C LEU A 99 6.94 -7.78 6.05
N ASP A 100 6.68 -8.02 4.75
CA ASP A 100 5.65 -8.93 4.22
C ASP A 100 6.35 -9.96 3.32
N PRO A 101 6.86 -11.08 3.88
CA PRO A 101 7.52 -12.09 3.04
C PRO A 101 6.57 -12.70 2.02
N SER A 102 5.26 -12.44 2.13
CA SER A 102 4.22 -12.88 1.15
C SER A 102 3.91 -11.73 0.17
N LEU A 103 4.71 -10.66 0.13
CA LEU A 103 4.40 -9.45 -0.68
C LEU A 103 4.12 -9.82 -2.15
N ALA A 104 4.86 -10.77 -2.68
CA ALA A 104 4.81 -11.06 -4.14
C ALA A 104 3.43 -11.63 -4.45
N GLU A 105 2.95 -12.51 -3.59
CA GLU A 105 1.60 -13.12 -3.65
C GLU A 105 0.52 -12.05 -3.48
N HIS A 106 0.64 -11.25 -2.41
CA HIS A 106 -0.31 -10.18 -2.06
C HIS A 106 -0.52 -9.27 -3.26
N LEU A 107 0.56 -8.91 -3.94
CA LEU A 107 0.49 -8.02 -5.12
C LEU A 107 -0.05 -8.81 -6.33
N SER A 108 0.32 -10.08 -6.50
CA SER A 108 -0.19 -10.93 -7.62
C SER A 108 -1.70 -10.96 -7.57
N HIS A 109 -2.24 -11.01 -6.36
CA HIS A 109 -3.69 -11.17 -6.10
C HIS A 109 -4.45 -10.05 -6.83
N PHE A 110 -3.85 -8.87 -6.91
CA PHE A 110 -4.41 -7.69 -7.63
C PHE A 110 -3.72 -7.55 -9.00
N GLY A 111 -3.19 -8.64 -9.56
CA GLY A 111 -2.55 -8.69 -10.89
C GLY A 111 -1.28 -7.87 -11.02
N ILE A 112 -0.54 -7.59 -9.94
CA ILE A 112 0.77 -6.86 -10.03
C ILE A 112 1.94 -7.86 -10.07
N ASP A 113 2.79 -7.70 -11.08
CA ASP A 113 4.12 -8.37 -11.22
C ASP A 113 5.20 -7.42 -10.69
N MET A 114 5.82 -7.77 -9.55
CA MET A 114 6.90 -7.00 -8.87
C MET A 114 8.02 -6.68 -9.87
N LEU A 115 8.29 -7.59 -10.81
CA LEU A 115 9.40 -7.44 -11.80
C LEU A 115 9.06 -6.35 -12.82
N LYS A 116 7.81 -5.87 -12.89
CA LYS A 116 7.31 -4.92 -13.94
C LYS A 116 7.00 -3.53 -13.34
N MET A 117 6.84 -3.38 -12.00
CA MET A 117 6.60 -2.08 -11.31
C MET A 117 7.85 -1.19 -11.41
N GLN A 118 7.67 0.14 -11.31
CA GLN A 118 8.73 1.15 -11.61
C GLN A 118 9.00 2.00 -10.36
N LYS A 119 10.29 2.17 -10.04
CA LYS A 119 10.83 2.87 -8.82
C LYS A 119 10.63 4.38 -8.98
N THR A 120 9.86 5.02 -8.08
CA THR A 120 9.75 6.49 -7.91
C THR A 120 10.34 6.88 -6.55
ZN ZN B . -6.26 11.42 -1.43
C1 O4Y C . 0.79 4.71 5.18
C2 O4Y C . 0.60 5.72 6.32
C3 O4Y C . -0.05 7.04 5.86
O1 O4Y C . -1.32 7.01 5.73
O2 O4Y C . 0.71 8.00 5.67
N1 O4Y C . 1.87 5.93 7.04
C4 O4Y C . 3.06 5.71 6.40
N2 O4Y C . 4.22 5.83 6.92
C5 O4Y C . 4.28 6.15 8.26
C6 O4Y C . 5.55 6.25 8.87
C7 O4Y C . 5.66 6.51 10.21
C8 O4Y C . 4.50 6.74 10.98
C9 O4Y C . 3.25 6.69 10.41
C10 O4Y C . 3.13 6.36 9.04
C11 O4Y C . 1.82 6.24 8.40
O3 O4Y C . 0.73 6.43 8.96
UNK UNX D . 3.95 -15.89 -0.31
UNK UNX E . 8.80 -3.84 11.91
UNK UNX F . 3.38 6.83 -4.60
UNK UNX G . 4.67 15.60 9.75
UNK UNX H . -3.22 8.62 4.82
UNK UNX I . 6.24 6.03 5.16
UNK UNX J . -4.43 -10.61 9.59
UNK UNX K . 0.75 -13.84 9.79
UNK UNX L . 8.61 -7.11 2.71
UNK UNX M . -9.57 -10.16 -9.19
UNK UNX N . -4.64 -13.57 -1.05
UNK UNX O . 3.61 -7.68 15.75
UNK UNX P . 4.28 -10.38 15.61
#